data_3EE2
#
_entry.id   3EE2
#
_cell.length_a   47.220
_cell.length_b   79.359
_cell.length_c   107.547
_cell.angle_alpha   90.00
_cell.angle_beta   90.00
_cell.angle_gamma   90.00
#
_symmetry.space_group_name_H-M   'P 21 21 21'
#
loop_
_entity.id
_entity.type
_entity.pdbx_description
1 polymer 'Glutathione-requiring prostaglandin D synthase'
2 non-polymer GLUTATHIONE
3 non-polymer nocodazole
4 non-polymer 'MAGNESIUM ION'
5 water water
#
_entity_poly.entity_id   1
_entity_poly.type   'polypeptide(L)'
_entity_poly.pdbx_seq_one_letter_code
;MPNYKLTYFNMRGRAEIIRYIFAYLDIQYEDHRIEQADWPEIKSTLPFGKIPILEVDGLTLHQSLAIARYLTKNTDLAGN
TEMEQCHVDAIVDTLDDFMSCFPWAEKKQDVKEQMFNELLTYNAPHLMQDLDTYLGGREWLIGNSVTWADFYWEICSTTL
LVFKPDLLDNHPRLVTLRKKVQAIPAIANWIKRRPQTKL
;
_entity_poly.pdbx_strand_id   A,B
#
loop_
_chem_comp.id
_chem_comp.type
_chem_comp.name
_chem_comp.formula
GSH non-polymer GLUTATHIONE 'C10 H17 N3 O6 S'
MG non-polymer 'MAGNESIUM ION' 'Mg 2'
NZO non-polymer nocodazole 'C14 H11 N3 O3 S'
#
# COMPACT_ATOMS: atom_id res chain seq x y z
N PRO A 2 -19.85 10.67 -13.40
CA PRO A 2 -20.32 11.22 -12.11
C PRO A 2 -19.62 12.54 -11.77
N ASN A 3 -19.97 13.09 -10.61
CA ASN A 3 -19.47 14.35 -10.17
C ASN A 3 -18.28 13.96 -9.26
N TYR A 4 -17.09 14.50 -9.54
CA TYR A 4 -15.89 14.11 -8.81
C TYR A 4 -15.28 15.34 -8.16
N LYS A 5 -14.87 15.22 -6.89
CA LYS A 5 -14.19 16.34 -6.23
C LYS A 5 -13.03 15.79 -5.47
N LEU A 6 -11.87 16.18 -5.94
CA LEU A 6 -10.63 15.74 -5.31
C LEU A 6 -10.16 16.79 -4.31
N THR A 7 -9.81 16.37 -3.08
CA THR A 7 -9.42 17.31 -2.04
C THR A 7 -7.99 16.92 -1.59
N TYR A 8 -7.07 17.88 -1.67
CA TYR A 8 -5.68 17.69 -1.28
C TYR A 8 -5.04 19.04 -1.06
N PHE A 9 -3.79 19.02 -0.62
CA PHE A 9 -3.01 20.26 -0.51
C PHE A 9 -2.66 20.76 -1.92
N ASN A 10 -2.12 21.96 -2.00
CA ASN A 10 -1.57 22.45 -3.26
C ASN A 10 -0.19 21.87 -3.45
N MET A 11 -0.12 20.64 -3.94
CA MET A 11 1.13 19.85 -4.00
C MET A 11 0.84 18.73 -4.95
N ARG A 12 1.87 18.20 -5.62
CA ARG A 12 1.65 16.94 -6.40
C ARG A 12 1.38 15.82 -5.37
N GLY A 13 2.41 15.49 -4.59
CA GLY A 13 2.27 14.57 -3.46
C GLY A 13 1.46 13.30 -3.82
N ARG A 14 0.57 12.91 -2.91
CA ARG A 14 -0.18 11.66 -3.00
C ARG A 14 -1.46 11.79 -3.86
N ALA A 15 -1.79 13.00 -4.29
CA ALA A 15 -2.97 13.19 -5.16
C ALA A 15 -2.57 13.08 -6.62
N GLU A 16 -1.28 13.25 -6.95
CA GLU A 16 -0.85 13.38 -8.33
C GLU A 16 -1.22 12.18 -9.20
N ILE A 17 -1.17 10.99 -8.59
CA ILE A 17 -1.49 9.76 -9.35
C ILE A 17 -2.95 9.83 -9.79
N ILE A 18 -3.76 10.41 -8.95
CA ILE A 18 -5.21 10.51 -9.26
C ILE A 18 -5.43 11.55 -10.37
N ARG A 19 -4.74 12.69 -10.23
CA ARG A 19 -4.74 13.73 -11.29
C ARG A 19 -4.27 13.18 -12.67
N TYR A 20 -3.24 12.34 -12.70
CA TYR A 20 -2.80 11.78 -13.97
C TYR A 20 -3.93 10.91 -14.62
N ILE A 21 -4.56 10.08 -13.80
CA ILE A 21 -5.59 9.15 -14.27
C ILE A 21 -6.71 9.97 -14.83
N PHE A 22 -7.16 11.03 -14.11
CA PHE A 22 -8.30 11.78 -14.70
C PHE A 22 -7.86 12.43 -16.02
N ALA A 23 -6.61 12.97 -16.09
CA ALA A 23 -6.10 13.62 -17.34
C ALA A 23 -6.11 12.60 -18.46
N TYR A 24 -5.60 11.43 -18.14
CA TYR A 24 -5.44 10.40 -19.22
C TYR A 24 -6.81 9.94 -19.71
N LEU A 25 -7.73 9.73 -18.78
CA LEU A 25 -9.08 9.25 -19.16
C LEU A 25 -10.01 10.37 -19.71
N ASP A 26 -9.49 11.59 -19.70
CA ASP A 26 -10.19 12.79 -20.15
C ASP A 26 -11.47 13.01 -19.30
N ILE A 27 -11.37 12.93 -17.99
CA ILE A 27 -12.52 13.05 -17.12
C ILE A 27 -12.41 14.37 -16.31
N GLN A 28 -13.47 15.18 -16.34
CA GLN A 28 -13.55 16.46 -15.63
C GLN A 28 -13.71 16.18 -14.11
N TYR A 29 -13.07 16.98 -13.27
CA TYR A 29 -13.27 16.81 -11.82
C TYR A 29 -12.96 18.16 -11.19
N GLU A 30 -13.36 18.36 -9.94
CA GLU A 30 -12.94 19.61 -9.27
C GLU A 30 -11.64 19.26 -8.52
N ASP A 31 -10.59 19.97 -8.88
CA ASP A 31 -9.25 19.77 -8.27
C ASP A 31 -9.14 20.75 -7.09
N HIS A 32 -9.62 20.32 -5.91
CA HIS A 32 -9.79 21.24 -4.74
C HIS A 32 -8.50 21.15 -3.94
N ARG A 33 -7.79 22.27 -3.93
CA ARG A 33 -6.49 22.40 -3.25
C ARG A 33 -6.67 23.28 -2.05
N ILE A 34 -6.43 22.73 -0.87
CA ILE A 34 -6.67 23.49 0.36
C ILE A 34 -5.37 24.19 0.83
N GLU A 35 -5.48 25.32 1.50
CA GLU A 35 -4.27 25.81 2.21
C GLU A 35 -4.37 25.34 3.62
N GLN A 36 -3.22 25.38 4.28
CA GLN A 36 -3.05 24.89 5.60
C GLN A 36 -4.08 25.46 6.59
N ALA A 37 -4.47 26.72 6.40
CA ALA A 37 -5.37 27.39 7.36
C ALA A 37 -6.63 26.54 7.54
N ASP A 38 -7.04 25.90 6.45
CA ASP A 38 -8.33 25.24 6.36
C ASP A 38 -8.27 23.75 6.69
N TRP A 39 -7.05 23.21 6.83
CA TRP A 39 -6.88 21.77 6.99
C TRP A 39 -7.45 21.20 8.32
N PRO A 40 -7.08 21.76 9.50
CA PRO A 40 -7.65 21.17 10.71
C PRO A 40 -9.19 20.99 10.74
N GLU A 41 -9.93 21.94 10.19
CA GLU A 41 -11.39 21.84 10.20
C GLU A 41 -11.91 20.73 9.27
N ILE A 42 -11.26 20.58 8.12
CA ILE A 42 -11.62 19.52 7.15
C ILE A 42 -11.25 18.13 7.71
N LYS A 43 -10.01 18.00 8.13
CA LYS A 43 -9.53 16.84 8.87
C LYS A 43 -10.54 16.19 9.84
N SER A 44 -11.15 17.00 10.70
CA SER A 44 -12.02 16.46 11.74
C SER A 44 -13.29 15.87 11.15
N THR A 45 -13.50 16.02 9.86
CA THR A 45 -14.73 15.47 9.27
C THR A 45 -14.40 14.21 8.51
N LEU A 46 -13.12 13.93 8.37
CA LEU A 46 -12.72 12.74 7.64
C LEU A 46 -12.58 11.59 8.62
N PRO A 47 -13.26 10.47 8.32
CA PRO A 47 -13.19 9.27 9.16
C PRO A 47 -11.77 8.80 9.45
N PHE A 48 -10.79 9.01 8.56
CA PHE A 48 -9.38 8.74 8.97
C PHE A 48 -8.41 9.93 9.06
N GLY A 49 -8.94 11.15 8.93
CA GLY A 49 -8.16 12.38 9.12
C GLY A 49 -7.01 12.57 8.15
N LYS A 50 -7.05 11.91 6.96
CA LYS A 50 -5.99 12.00 5.95
C LYS A 50 -6.58 12.39 4.58
N ILE A 51 -5.81 13.10 3.78
CA ILE A 51 -6.10 13.35 2.34
C ILE A 51 -4.94 12.76 1.52
N PRO A 52 -5.13 12.49 0.22
CA PRO A 52 -6.32 12.87 -0.56
C PRO A 52 -7.64 12.17 -0.16
N ILE A 53 -8.73 12.88 -0.38
CA ILE A 53 -10.02 12.21 -0.50
C ILE A 53 -10.62 12.49 -1.90
N LEU A 54 -11.58 11.67 -2.37
CA LEU A 54 -12.19 11.90 -3.63
C LEU A 54 -13.69 11.64 -3.35
N GLU A 55 -14.49 12.68 -3.57
CA GLU A 55 -15.96 12.56 -3.39
C GLU A 55 -16.50 12.20 -4.74
N VAL A 56 -17.32 11.16 -4.77
CA VAL A 56 -17.90 10.60 -5.99
C VAL A 56 -19.41 10.58 -5.84
N ASP A 57 -20.08 11.50 -6.52
CA ASP A 57 -21.53 11.62 -6.47
C ASP A 57 -21.87 11.63 -5.00
N GLY A 58 -21.11 12.42 -4.23
CA GLY A 58 -21.45 12.68 -2.83
C GLY A 58 -20.97 11.64 -1.83
N LEU A 59 -20.35 10.55 -2.28
CA LEU A 59 -19.75 9.53 -1.38
C LEU A 59 -18.24 9.71 -1.29
N THR A 60 -17.67 9.61 -0.09
CA THR A 60 -16.22 9.90 0.08
C THR A 60 -15.39 8.62 0.08
N LEU A 61 -14.33 8.65 -0.73
CA LEU A 61 -13.36 7.64 -0.84
C LEU A 61 -12.08 8.23 -0.30
N HIS A 62 -11.22 7.35 0.20
CA HIS A 62 -9.92 7.80 0.72
C HIS A 62 -8.84 6.86 0.33
N GLN A 63 -7.58 7.21 0.66
CA GLN A 63 -6.43 6.39 0.29
C GLN A 63 -6.10 6.46 -1.17
N SER A 64 -5.02 7.17 -1.44
CA SER A 64 -4.70 7.51 -2.84
C SER A 64 -4.58 6.31 -3.76
N LEU A 65 -3.97 5.19 -3.32
CA LEU A 65 -3.78 4.09 -4.29
C LEU A 65 -5.09 3.28 -4.43
N ALA A 66 -5.87 3.19 -3.35
CA ALA A 66 -7.21 2.62 -3.41
C ALA A 66 -8.05 3.39 -4.46
N ILE A 67 -7.99 4.70 -4.38
CA ILE A 67 -8.81 5.55 -5.26
C ILE A 67 -8.28 5.35 -6.70
N ALA A 68 -6.96 5.38 -6.88
CA ALA A 68 -6.41 5.20 -8.22
C ALA A 68 -6.82 3.84 -8.78
N ARG A 69 -6.84 2.81 -7.93
CA ARG A 69 -7.14 1.48 -8.45
C ARG A 69 -8.61 1.38 -8.87
N TYR A 70 -9.44 2.07 -8.12
CA TYR A 70 -10.87 2.17 -8.40
C TYR A 70 -11.15 2.86 -9.73
N LEU A 71 -10.47 3.97 -9.95
CA LEU A 71 -10.69 4.78 -11.16
C LEU A 71 -10.20 4.07 -12.44
N THR A 72 -9.28 3.13 -12.29
CA THR A 72 -8.68 2.50 -13.46
C THR A 72 -9.29 1.16 -13.78
N LYS A 73 -10.13 0.68 -12.86
CA LYS A 73 -10.79 -0.61 -13.04
C LYS A 73 -11.57 -0.52 -14.35
N ASN A 74 -11.49 -1.59 -15.16
CA ASN A 74 -12.14 -1.63 -16.48
C ASN A 74 -11.68 -0.57 -17.50
N THR A 75 -10.44 -0.12 -17.39
CA THR A 75 -9.88 0.78 -18.43
C THR A 75 -8.64 0.09 -18.89
N ASP A 76 -8.07 0.60 -19.96
CA ASP A 76 -6.75 0.14 -20.39
C ASP A 76 -5.63 0.36 -19.38
N LEU A 77 -5.81 1.29 -18.43
CA LEU A 77 -4.75 1.54 -17.42
C LEU A 77 -4.54 0.42 -16.37
N ALA A 78 -5.50 -0.47 -16.20
CA ALA A 78 -5.44 -1.46 -15.10
C ALA A 78 -4.46 -2.64 -15.28
N GLY A 79 -4.14 -2.97 -16.52
CA GLY A 79 -3.54 -4.28 -16.83
C GLY A 79 -4.57 -5.22 -17.39
N ASN A 80 -4.12 -6.11 -18.28
CA ASN A 80 -4.99 -6.98 -19.01
C ASN A 80 -5.42 -8.22 -18.26
N THR A 81 -4.53 -9.16 -18.07
CA THR A 81 -4.88 -10.36 -17.36
C THR A 81 -4.95 -10.13 -15.83
N GLU A 82 -5.43 -11.13 -15.14
CA GLU A 82 -5.45 -11.05 -13.69
C GLU A 82 -4.02 -10.98 -13.15
N MET A 83 -3.10 -11.73 -13.75
CA MET A 83 -1.72 -11.65 -13.30
C MET A 83 -1.10 -10.29 -13.56
N GLU A 84 -1.41 -9.67 -14.70
CA GLU A 84 -0.83 -8.36 -15.02
C GLU A 84 -1.35 -7.27 -14.07
N GLN A 85 -2.62 -7.37 -13.65
CA GLN A 85 -3.19 -6.48 -12.65
C GLN A 85 -2.39 -6.61 -11.34
N CYS A 86 -2.04 -7.83 -10.95
CA CYS A 86 -1.21 -8.08 -9.77
C CYS A 86 0.13 -7.39 -9.91
N HIS A 87 0.74 -7.49 -11.08
CA HIS A 87 2.07 -6.96 -11.24
C HIS A 87 1.97 -5.44 -11.20
N VAL A 88 0.87 -4.86 -11.73
CA VAL A 88 0.69 -3.41 -11.67
C VAL A 88 0.61 -3.00 -10.16
N ASP A 89 -0.24 -3.71 -9.40
CA ASP A 89 -0.39 -3.43 -7.94
C ASP A 89 0.97 -3.57 -7.22
N ALA A 90 1.73 -4.61 -7.58
CA ALA A 90 3.05 -4.87 -6.91
C ALA A 90 4.11 -3.79 -7.17
N ILE A 91 4.21 -3.35 -8.42
CA ILE A 91 5.13 -2.29 -8.73
C ILE A 91 4.69 -0.99 -8.03
N VAL A 92 3.41 -0.65 -8.10
CA VAL A 92 2.91 0.52 -7.40
C VAL A 92 3.28 0.44 -5.91
N ASP A 93 2.98 -0.69 -5.25
CA ASP A 93 3.30 -0.91 -3.79
C ASP A 93 4.82 -0.82 -3.53
N THR A 94 5.63 -1.37 -4.44
CA THR A 94 7.10 -1.33 -4.30
C THR A 94 7.58 0.14 -4.29
N LEU A 95 7.10 0.93 -5.24
CA LEU A 95 7.41 2.37 -5.30
C LEU A 95 6.89 3.09 -4.07
N ASP A 96 5.66 2.80 -3.70
CA ASP A 96 5.07 3.47 -2.53
C ASP A 96 5.75 3.18 -1.18
N ASP A 97 6.12 1.92 -0.95
CA ASP A 97 6.84 1.49 0.24
C ASP A 97 8.15 2.31 0.35
N PHE A 98 8.81 2.52 -0.78
CA PHE A 98 10.07 3.27 -0.73
C PHE A 98 9.78 4.76 -0.43
N MET A 99 8.79 5.36 -1.11
CA MET A 99 8.38 6.76 -0.87
C MET A 99 8.01 6.92 0.60
N SER A 100 7.48 5.84 1.20
CA SER A 100 7.09 5.89 2.63
C SER A 100 8.21 5.94 3.67
N CYS A 101 9.42 5.56 3.29
CA CYS A 101 10.51 5.58 4.25
C CYS A 101 10.93 6.98 4.60
N PHE A 102 10.65 7.94 3.73
CA PHE A 102 11.20 9.28 3.95
C PHE A 102 10.43 9.98 5.05
N PRO A 103 11.14 10.63 5.96
CA PRO A 103 10.46 11.35 7.06
C PRO A 103 9.95 12.70 6.57
N TRP A 104 9.00 12.67 5.67
CA TRP A 104 8.41 13.89 5.10
C TRP A 104 7.99 14.88 6.18
N ALA A 105 7.41 14.37 7.26
CA ALA A 105 6.87 15.22 8.34
C ALA A 105 7.91 15.72 9.32
N GLU A 106 9.10 15.10 9.32
CA GLU A 106 10.12 15.42 10.31
C GLU A 106 10.39 16.91 10.35
N LYS A 107 10.28 17.52 11.53
CA LYS A 107 10.51 18.95 11.63
C LYS A 107 11.96 19.29 12.04
N LYS A 108 12.68 18.39 12.70
CA LYS A 108 14.11 18.67 12.95
C LYS A 108 14.86 18.31 11.68
N GLN A 109 15.23 19.34 10.95
CA GLN A 109 15.65 19.17 9.58
C GLN A 109 17.08 18.59 9.49
N ASP A 110 17.87 18.73 10.55
CA ASP A 110 19.19 18.12 10.52
C ASP A 110 19.05 16.58 10.56
N VAL A 111 18.16 16.09 11.41
CA VAL A 111 17.80 14.66 11.40
C VAL A 111 17.04 14.26 10.11
N LYS A 112 16.13 15.11 9.62
CA LYS A 112 15.43 14.92 8.32
C LYS A 112 16.39 14.74 7.14
N GLU A 113 17.31 15.70 7.02
CA GLU A 113 18.23 15.76 5.93
C GLU A 113 19.18 14.58 5.94
N GLN A 114 19.70 14.18 7.10
CA GLN A 114 20.52 12.96 7.21
C GLN A 114 19.75 11.71 6.71
N MET A 115 18.49 11.57 7.15
CA MET A 115 17.68 10.42 6.79
C MET A 115 17.48 10.34 5.29
N PHE A 116 17.00 11.43 4.72
CA PHE A 116 16.85 11.58 3.26
C PHE A 116 18.15 11.15 2.54
N ASN A 117 19.26 11.69 3.01
CA ASN A 117 20.51 11.40 2.34
C ASN A 117 20.94 9.92 2.43
N GLU A 118 20.85 9.32 3.63
CA GLU A 118 21.08 7.89 3.77
C GLU A 118 20.20 7.10 2.79
N LEU A 119 18.91 7.38 2.80
CA LEU A 119 18.01 6.64 1.95
C LEU A 119 18.38 6.73 0.51
N LEU A 120 18.76 7.95 0.09
CA LEU A 120 18.99 8.25 -1.33
C LEU A 120 20.31 7.66 -1.78
N THR A 121 21.27 7.60 -0.88
CA THR A 121 22.58 7.02 -1.20
C THR A 121 22.65 5.49 -1.03
N TYR A 122 22.14 4.97 0.09
CA TYR A 122 22.34 3.57 0.48
C TYR A 122 21.27 2.64 -0.08
N ASN A 123 20.05 3.19 -0.31
CA ASN A 123 18.86 2.41 -0.60
C ASN A 123 18.34 2.59 -2.00
N ALA A 124 18.14 3.84 -2.39
CA ALA A 124 17.58 4.16 -3.70
C ALA A 124 18.23 3.46 -4.90
N PRO A 125 19.59 3.50 -4.96
CA PRO A 125 20.21 2.90 -6.13
C PRO A 125 19.92 1.42 -6.30
N HIS A 126 19.75 0.68 -5.19
CA HIS A 126 19.36 -0.75 -5.20
C HIS A 126 18.01 -0.89 -5.92
N LEU A 127 17.06 -0.04 -5.53
CA LEU A 127 15.73 -0.02 -6.10
C LEU A 127 15.73 0.37 -7.59
N MET A 128 16.48 1.41 -7.95
CA MET A 128 16.64 1.72 -9.33
C MET A 128 17.16 0.50 -10.09
N GLN A 129 18.19 -0.14 -9.58
CA GLN A 129 18.74 -1.28 -10.26
C GLN A 129 17.65 -2.37 -10.48
N ASP A 130 16.87 -2.66 -9.43
CA ASP A 130 15.81 -3.66 -9.48
C ASP A 130 14.75 -3.27 -10.50
N LEU A 131 14.37 -2.00 -10.57
CA LEU A 131 13.33 -1.54 -11.48
C LEU A 131 13.80 -1.65 -12.93
N ASP A 132 15.08 -1.34 -13.15
CA ASP A 132 15.70 -1.30 -14.48
C ASP A 132 15.77 -2.76 -14.96
N THR A 133 16.19 -3.65 -14.08
CA THR A 133 16.30 -5.06 -14.45
C THR A 133 14.88 -5.59 -14.76
N TYR A 134 13.94 -5.20 -13.91
CA TYR A 134 12.53 -5.54 -14.08
C TYR A 134 11.99 -5.10 -15.46
N LEU A 135 12.24 -3.85 -15.81
CA LEU A 135 11.83 -3.32 -17.12
C LEU A 135 12.52 -4.01 -18.31
N GLY A 136 13.81 -4.23 -18.19
CA GLY A 136 14.55 -4.88 -19.25
C GLY A 136 14.41 -4.03 -20.51
N GLY A 137 14.35 -4.67 -21.68
CA GLY A 137 14.18 -3.88 -22.92
C GLY A 137 12.74 -3.52 -23.30
N ARG A 138 11.76 -3.71 -22.41
CA ARG A 138 10.34 -3.51 -22.78
C ARG A 138 9.96 -2.00 -22.80
N GLU A 139 8.90 -1.61 -23.51
CA GLU A 139 8.50 -0.18 -23.55
C GLU A 139 7.88 0.30 -22.24
N TRP A 140 7.08 -0.57 -21.60
CA TRP A 140 6.33 -0.20 -20.39
C TRP A 140 6.60 -1.24 -19.33
N LEU A 141 6.35 -0.89 -18.05
CA LEU A 141 6.62 -1.78 -16.92
C LEU A 141 5.88 -3.11 -17.04
N ILE A 142 4.59 -3.06 -17.35
CA ILE A 142 3.74 -4.24 -17.37
C ILE A 142 3.00 -4.31 -18.73
N GLY A 143 3.06 -5.45 -19.37
CA GLY A 143 2.27 -5.66 -20.56
C GLY A 143 2.93 -4.95 -21.73
N ASN A 144 2.15 -4.56 -22.70
CA ASN A 144 2.72 -3.91 -23.87
C ASN A 144 2.03 -2.57 -24.10
N SER A 145 1.35 -2.10 -23.08
CA SER A 145 0.75 -0.79 -23.13
C SER A 145 0.88 -0.10 -21.76
N VAL A 146 0.73 1.24 -21.76
CA VAL A 146 0.92 2.03 -20.54
C VAL A 146 -0.09 1.61 -19.47
N THR A 147 0.35 1.56 -18.22
CA THR A 147 -0.59 1.36 -17.10
C THR A 147 -0.31 2.41 -16.08
N TRP A 148 -1.14 2.48 -15.04
CA TRP A 148 -0.91 3.44 -14.00
C TRP A 148 0.37 3.18 -13.16
N ALA A 149 0.95 1.99 -13.23
CA ALA A 149 2.27 1.79 -12.64
C ALA A 149 3.32 2.68 -13.31
N ASP A 150 3.18 2.85 -14.65
CA ASP A 150 4.08 3.71 -15.41
C ASP A 150 3.91 5.15 -14.93
N PHE A 151 2.66 5.58 -14.69
CA PHE A 151 2.42 6.93 -14.25
C PHE A 151 3.02 7.09 -12.85
N TYR A 152 2.86 6.07 -12.01
CA TYR A 152 3.38 6.21 -10.64
C TYR A 152 4.90 6.22 -10.60
N TRP A 153 5.56 5.40 -11.45
CA TRP A 153 7.00 5.57 -11.67
C TRP A 153 7.39 7.03 -12.01
N GLU A 154 6.74 7.64 -13.01
CA GLU A 154 7.13 8.99 -13.41
C GLU A 154 6.91 9.97 -12.23
N ILE A 155 5.80 9.82 -11.55
CA ILE A 155 5.49 10.70 -10.41
C ILE A 155 6.49 10.56 -9.24
N CYS A 156 6.73 9.32 -8.82
CA CYS A 156 7.64 9.06 -7.71
C CYS A 156 9.03 9.53 -8.11
N SER A 157 9.45 9.20 -9.32
CA SER A 157 10.84 9.60 -9.70
C SER A 157 11.03 11.11 -9.80
N THR A 158 10.02 11.83 -10.27
CA THR A 158 10.05 13.31 -10.28
C THR A 158 10.34 13.87 -8.90
N THR A 159 9.66 13.35 -7.91
CA THR A 159 9.92 13.78 -6.53
C THR A 159 11.33 13.37 -6.06
N LEU A 160 11.74 12.14 -6.36
CA LEU A 160 13.10 11.67 -5.97
C LEU A 160 14.19 12.53 -6.59
N LEU A 161 13.99 12.87 -7.87
CA LEU A 161 15.00 13.67 -8.61
C LEU A 161 15.24 15.06 -8.03
N VAL A 162 14.22 15.60 -7.37
CA VAL A 162 14.37 16.89 -6.64
C VAL A 162 15.48 16.78 -5.61
N PHE A 163 15.49 15.66 -4.87
CA PHE A 163 16.48 15.49 -3.78
C PHE A 163 17.73 14.82 -4.22
N LYS A 164 17.64 13.95 -5.22
CA LYS A 164 18.89 13.28 -5.73
C LYS A 164 18.90 13.40 -7.25
N PRO A 165 19.39 14.55 -7.76
CA PRO A 165 19.32 14.81 -9.23
C PRO A 165 20.01 13.81 -10.15
N ASP A 166 21.04 13.14 -9.65
CA ASP A 166 21.77 12.10 -10.35
C ASP A 166 21.16 10.69 -10.22
N LEU A 167 19.97 10.61 -9.65
CA LEU A 167 19.37 9.33 -9.34
C LEU A 167 19.42 8.36 -10.54
N LEU A 168 19.21 8.88 -11.76
CA LEU A 168 19.03 7.99 -12.92
C LEU A 168 20.20 8.01 -13.89
N ASP A 169 21.32 8.60 -13.47
CA ASP A 169 22.47 8.67 -14.35
C ASP A 169 22.94 7.35 -14.94
N ASN A 170 22.84 6.27 -14.17
CA ASN A 170 23.23 4.95 -14.68
C ASN A 170 22.09 4.14 -15.20
N HIS A 171 20.93 4.77 -15.42
CA HIS A 171 19.69 4.07 -15.80
C HIS A 171 18.96 4.75 -16.98
N PRO A 172 19.60 4.75 -18.15
CA PRO A 172 18.98 5.37 -19.33
C PRO A 172 17.63 4.76 -19.68
N ARG A 173 17.40 3.46 -19.45
CA ARG A 173 16.13 2.82 -19.82
C ARG A 173 15.01 3.37 -18.94
N LEU A 174 15.36 3.71 -17.70
CA LEU A 174 14.42 4.35 -16.77
C LEU A 174 14.07 5.78 -17.17
N VAL A 175 15.06 6.53 -17.61
CA VAL A 175 14.83 7.89 -18.11
C VAL A 175 13.92 7.83 -19.37
N THR A 176 14.19 6.87 -20.28
CA THR A 176 13.34 6.70 -21.49
C THR A 176 11.87 6.47 -21.11
N LEU A 177 11.64 5.66 -20.09
CA LEU A 177 10.28 5.42 -19.62
C LEU A 177 9.64 6.69 -19.04
N ARG A 178 10.39 7.48 -18.30
CA ARG A 178 9.80 8.72 -17.75
C ARG A 178 9.42 9.63 -18.92
N LYS A 179 10.27 9.67 -19.95
CA LYS A 179 10.02 10.55 -21.08
C LYS A 179 8.81 10.05 -21.87
N LYS A 180 8.67 8.74 -22.07
CA LYS A 180 7.47 8.22 -22.73
C LYS A 180 6.15 8.59 -22.01
N VAL A 181 6.11 8.41 -20.68
CA VAL A 181 4.93 8.82 -19.94
C VAL A 181 4.67 10.31 -20.14
N GLN A 182 5.72 11.11 -20.04
CA GLN A 182 5.58 12.58 -20.14
C GLN A 182 5.20 13.04 -21.57
N ALA A 183 5.40 12.18 -22.58
CA ALA A 183 5.01 12.50 -23.95
C ALA A 183 3.56 12.15 -24.33
N ILE A 184 2.91 11.30 -23.55
CA ILE A 184 1.50 10.95 -23.77
C ILE A 184 0.72 12.26 -23.78
N PRO A 185 0.06 12.63 -24.92
CA PRO A 185 -0.48 14.02 -24.95
C PRO A 185 -1.29 14.50 -23.75
N ALA A 186 -2.22 13.70 -23.24
CA ALA A 186 -3.00 14.21 -22.06
C ALA A 186 -2.15 14.43 -20.83
N ILE A 187 -1.12 13.60 -20.67
CA ILE A 187 -0.21 13.78 -19.54
C ILE A 187 0.70 15.00 -19.74
N ALA A 188 1.28 15.11 -20.93
CA ALA A 188 2.00 16.29 -21.32
C ALA A 188 1.23 17.62 -21.03
N ASN A 189 -0.04 17.65 -21.37
CA ASN A 189 -0.86 18.85 -21.20
C ASN A 189 -1.09 19.11 -19.70
N TRP A 190 -1.26 18.06 -18.93
CA TRP A 190 -1.44 18.26 -17.47
C TRP A 190 -0.17 18.81 -16.80
N ILE A 191 0.95 18.18 -17.11
CA ILE A 191 2.27 18.63 -16.59
C ILE A 191 2.58 20.08 -16.95
N LYS A 192 2.27 20.48 -18.18
CA LYS A 192 2.39 21.86 -18.61
C LYS A 192 1.55 22.83 -17.76
N ARG A 193 0.27 22.48 -17.53
CA ARG A 193 -0.68 23.36 -16.89
C ARG A 193 -0.76 23.25 -15.38
N ARG A 194 -0.29 22.16 -14.76
CA ARG A 194 -0.54 22.04 -13.27
C ARG A 194 0.17 23.16 -12.48
N PRO A 195 -0.36 23.51 -11.27
CA PRO A 195 0.46 24.44 -10.46
C PRO A 195 1.86 23.87 -10.21
N GLN A 196 2.87 24.74 -10.30
CA GLN A 196 4.27 24.43 -9.96
C GLN A 196 4.50 24.47 -8.44
N THR A 197 4.79 23.32 -7.86
CA THR A 197 4.96 23.18 -6.43
C THR A 197 6.24 22.32 -6.33
N LYS A 198 7.03 22.57 -5.30
CA LYS A 198 8.21 21.76 -5.03
C LYS A 198 7.89 20.26 -5.06
N LEU A 199 6.89 19.83 -4.29
CA LEU A 199 6.49 18.42 -4.14
C LEU A 199 5.05 18.17 -4.61
N PRO B 2 -3.88 -24.44 -9.62
CA PRO B 2 -2.45 -24.62 -9.90
C PRO B 2 -1.66 -24.95 -8.62
N ASN B 3 -0.34 -25.07 -8.77
CA ASN B 3 0.59 -25.31 -7.64
C ASN B 3 1.00 -23.95 -7.03
N TYR B 4 0.72 -23.79 -5.73
CA TYR B 4 1.03 -22.56 -5.00
C TYR B 4 2.12 -22.81 -3.94
N LYS B 5 3.20 -22.02 -3.98
CA LYS B 5 4.22 -22.06 -2.94
C LYS B 5 4.44 -20.63 -2.41
N LEU B 6 4.24 -20.43 -1.11
CA LEU B 6 4.47 -19.13 -0.44
C LEU B 6 5.79 -19.22 0.28
N THR B 7 6.64 -18.21 0.10
CA THR B 7 7.97 -18.20 0.73
C THR B 7 7.97 -16.97 1.66
N TYR B 8 8.26 -17.18 2.94
CA TYR B 8 8.36 -16.08 3.91
C TYR B 8 9.25 -16.59 5.03
N PHE B 9 9.52 -15.74 6.01
CA PHE B 9 10.11 -16.11 7.24
C PHE B 9 9.11 -16.95 8.06
N ASN B 10 9.61 -17.57 9.13
CA ASN B 10 8.73 -18.22 10.12
C ASN B 10 8.19 -17.17 11.07
N MET B 11 7.24 -16.39 10.57
CA MET B 11 6.49 -15.41 11.32
C MET B 11 5.15 -15.15 10.63
N ARG B 12 4.24 -14.48 11.30
CA ARG B 12 3.00 -14.11 10.64
C ARG B 12 3.32 -12.97 9.67
N GLY B 13 3.75 -11.83 10.22
CA GLY B 13 4.23 -10.65 9.51
C GLY B 13 3.42 -10.46 8.25
N ARG B 14 4.10 -10.24 7.15
CA ARG B 14 3.42 -9.76 5.92
C ARG B 14 2.85 -10.89 5.07
N ALA B 15 3.11 -12.16 5.45
CA ALA B 15 2.58 -13.31 4.74
C ALA B 15 1.24 -13.75 5.35
N GLU B 16 0.91 -13.27 6.55
CA GLU B 16 -0.22 -13.88 7.25
C GLU B 16 -1.56 -13.60 6.53
N ILE B 17 -1.67 -12.43 5.88
CA ILE B 17 -2.95 -12.14 5.19
C ILE B 17 -3.19 -13.15 4.08
N ILE B 18 -2.12 -13.54 3.39
CA ILE B 18 -2.21 -14.55 2.33
C ILE B 18 -2.55 -15.94 2.92
N ARG B 19 -1.88 -16.32 4.01
CA ARG B 19 -2.19 -17.57 4.73
C ARG B 19 -3.68 -17.67 5.16
N TYR B 20 -4.23 -16.56 5.65
CA TYR B 20 -5.67 -16.54 6.00
C TYR B 20 -6.59 -16.78 4.79
N ILE B 21 -6.25 -16.10 3.69
CA ILE B 21 -7.06 -16.18 2.45
C ILE B 21 -7.06 -17.62 1.94
N PHE B 22 -5.87 -18.24 1.84
CA PHE B 22 -5.77 -19.65 1.39
C PHE B 22 -6.55 -20.54 2.36
N ALA B 23 -6.43 -20.28 3.66
CA ALA B 23 -7.22 -21.07 4.67
C ALA B 23 -8.70 -20.95 4.36
N TYR B 24 -9.18 -19.71 4.27
CA TYR B 24 -10.59 -19.42 3.99
C TYR B 24 -11.07 -20.07 2.70
N LEU B 25 -10.23 -20.08 1.67
CA LEU B 25 -10.75 -20.59 0.36
C LEU B 25 -10.54 -22.08 0.28
N ASP B 26 -9.98 -22.67 1.34
CA ASP B 26 -9.71 -24.11 1.40
C ASP B 26 -8.86 -24.55 0.23
N ILE B 27 -7.84 -23.73 -0.04
CA ILE B 27 -6.88 -23.96 -1.10
C ILE B 27 -5.54 -24.38 -0.47
N GLN B 28 -5.12 -25.59 -0.80
CA GLN B 28 -3.87 -26.13 -0.34
C GLN B 28 -2.68 -25.38 -0.99
N TYR B 29 -1.59 -25.17 -0.23
CA TYR B 29 -0.37 -24.51 -0.78
C TYR B 29 0.84 -24.97 0.02
N GLU B 30 2.04 -24.83 -0.51
CA GLU B 30 3.23 -25.05 0.31
C GLU B 30 3.55 -23.75 1.07
N ASP B 31 3.54 -23.86 2.39
CA ASP B 31 3.80 -22.73 3.26
C ASP B 31 5.30 -22.79 3.54
N HIS B 32 6.12 -22.31 2.63
CA HIS B 32 7.56 -22.50 2.85
C HIS B 32 8.10 -21.41 3.79
N ARG B 33 8.69 -21.83 4.91
CA ARG B 33 9.28 -20.89 5.89
C ARG B 33 10.78 -20.97 5.96
N ILE B 34 11.48 -19.92 5.55
CA ILE B 34 12.93 -20.03 5.33
C ILE B 34 13.74 -19.95 6.62
N GLU B 35 14.93 -20.52 6.58
CA GLU B 35 15.86 -20.39 7.67
C GLU B 35 16.49 -19.04 7.47
N GLN B 36 16.55 -18.26 8.53
CA GLN B 36 17.24 -16.98 8.50
C GLN B 36 18.68 -17.00 7.93
N ALA B 37 19.42 -18.09 8.11
CA ALA B 37 20.78 -18.22 7.59
C ALA B 37 20.84 -18.29 6.06
N ASP B 38 19.74 -18.71 5.46
CA ASP B 38 19.64 -18.81 4.02
C ASP B 38 19.15 -17.51 3.41
N TRP B 39 18.81 -16.54 4.27
CA TRP B 39 18.27 -15.29 3.75
C TRP B 39 19.13 -14.58 2.68
N PRO B 40 20.44 -14.35 2.91
CA PRO B 40 21.18 -13.61 1.86
C PRO B 40 21.09 -14.23 0.46
N GLU B 41 21.14 -15.55 0.40
CA GLU B 41 20.98 -16.34 -0.83
C GLU B 41 19.64 -16.19 -1.50
N ILE B 42 18.61 -16.43 -0.73
CA ILE B 42 17.26 -16.41 -1.24
C ILE B 42 16.93 -15.02 -1.73
N LYS B 43 17.46 -14.01 -1.03
CA LYS B 43 17.15 -12.64 -1.32
C LYS B 43 17.67 -12.20 -2.70
N SER B 44 18.73 -12.83 -3.20
CA SER B 44 19.29 -12.41 -4.49
C SER B 44 18.57 -13.08 -5.68
N THR B 45 17.55 -13.88 -5.39
CA THR B 45 16.69 -14.49 -6.40
C THR B 45 15.37 -13.72 -6.49
N LEU B 46 15.17 -12.69 -5.66
CA LEU B 46 13.85 -12.05 -5.54
C LEU B 46 13.79 -10.81 -6.44
N PRO B 47 12.59 -10.47 -6.96
CA PRO B 47 12.54 -9.40 -7.99
C PRO B 47 13.02 -8.09 -7.38
N PHE B 48 12.63 -7.87 -6.13
CA PHE B 48 12.91 -6.64 -5.40
C PHE B 48 13.58 -6.87 -4.01
N GLY B 49 14.17 -8.04 -3.82
CA GLY B 49 14.81 -8.37 -2.54
C GLY B 49 13.87 -8.50 -1.34
N LYS B 50 12.55 -8.64 -1.54
CA LYS B 50 11.62 -8.85 -0.44
C LYS B 50 10.78 -10.10 -0.60
N ILE B 51 10.38 -10.58 0.56
CA ILE B 51 9.31 -11.56 0.76
C ILE B 51 8.17 -10.94 1.57
N PRO B 52 6.95 -11.48 1.43
CA PRO B 52 6.70 -12.73 0.71
C PRO B 52 6.70 -12.66 -0.83
N ILE B 53 6.87 -13.84 -1.43
CA ILE B 53 6.60 -14.07 -2.84
C ILE B 53 5.67 -15.26 -2.91
N LEU B 54 4.85 -15.33 -3.95
CA LEU B 54 3.96 -16.47 -4.13
C LEU B 54 4.33 -16.94 -5.49
N GLU B 55 4.70 -18.22 -5.57
CA GLU B 55 4.95 -18.84 -6.85
C GLU B 55 3.70 -19.58 -7.26
N VAL B 56 3.26 -19.33 -8.48
CA VAL B 56 2.04 -19.92 -9.00
C VAL B 56 2.46 -20.66 -10.23
N ASP B 57 2.63 -21.96 -10.09
CA ASP B 57 3.16 -22.77 -11.20
C ASP B 57 4.51 -22.26 -11.69
N GLY B 58 5.37 -21.83 -10.79
CA GLY B 58 6.61 -21.17 -11.21
C GLY B 58 6.34 -19.97 -12.12
N LEU B 59 5.36 -19.18 -11.73
CA LEU B 59 5.20 -17.80 -12.14
C LEU B 59 5.21 -17.08 -10.77
N THR B 60 6.14 -16.14 -10.58
CA THR B 60 6.33 -15.43 -9.30
C THR B 60 5.48 -14.17 -9.20
N LEU B 61 4.73 -14.08 -8.12
CA LEU B 61 4.04 -12.86 -7.71
C LEU B 61 4.75 -12.32 -6.46
N HIS B 62 4.76 -10.99 -6.33
CA HIS B 62 5.28 -10.34 -5.12
C HIS B 62 4.39 -9.23 -4.56
N GLN B 63 4.71 -8.79 -3.33
CA GLN B 63 4.07 -7.67 -2.61
C GLN B 63 2.79 -8.18 -1.91
N SER B 64 2.82 -8.30 -0.58
CA SER B 64 1.83 -9.15 0.05
C SER B 64 0.42 -8.65 -0.26
N LEU B 65 0.20 -7.35 -0.40
CA LEU B 65 -1.19 -6.94 -0.56
C LEU B 65 -1.64 -7.03 -2.03
N ALA B 66 -0.65 -6.87 -2.93
CA ALA B 66 -0.90 -7.15 -4.36
C ALA B 66 -1.41 -8.61 -4.47
N ILE B 67 -0.71 -9.54 -3.83
CA ILE B 67 -1.02 -10.94 -3.87
C ILE B 67 -2.36 -11.24 -3.22
N ALA B 68 -2.60 -10.62 -2.08
CA ALA B 68 -3.89 -10.77 -1.40
C ALA B 68 -5.05 -10.37 -2.27
N ARG B 69 -4.90 -9.24 -2.98
CA ARG B 69 -5.94 -8.73 -3.82
C ARG B 69 -6.13 -9.68 -5.01
N TYR B 70 -5.02 -10.18 -5.55
CA TYR B 70 -5.09 -11.15 -6.63
C TYR B 70 -5.92 -12.38 -6.21
N LEU B 71 -5.60 -12.92 -5.04
CA LEU B 71 -6.24 -14.16 -4.57
C LEU B 71 -7.74 -14.02 -4.24
N THR B 72 -8.16 -12.81 -3.85
CA THR B 72 -9.55 -12.62 -3.41
C THR B 72 -10.45 -12.11 -4.52
N LYS B 73 -9.83 -11.72 -5.65
CA LYS B 73 -10.57 -11.31 -6.86
C LYS B 73 -11.65 -12.39 -7.22
N ASN B 74 -12.90 -11.97 -7.34
CA ASN B 74 -14.02 -12.88 -7.62
C ASN B 74 -14.33 -13.93 -6.54
N THR B 75 -14.01 -13.60 -5.29
CA THR B 75 -14.39 -14.44 -4.15
C THR B 75 -15.32 -13.55 -3.34
N ASP B 76 -15.99 -14.16 -2.36
CA ASP B 76 -16.81 -13.39 -1.43
C ASP B 76 -15.94 -12.50 -0.53
N LEU B 77 -14.61 -12.71 -0.49
CA LEU B 77 -13.74 -11.84 0.33
C LEU B 77 -13.50 -10.43 -0.26
N ALA B 78 -13.89 -10.23 -1.53
CA ALA B 78 -13.47 -9.04 -2.33
C ALA B 78 -14.09 -7.68 -2.00
N GLY B 79 -15.34 -7.70 -1.55
CA GLY B 79 -16.19 -6.50 -1.50
C GLY B 79 -17.22 -6.79 -2.57
N ASN B 80 -18.49 -6.44 -2.32
CA ASN B 80 -19.59 -6.84 -3.22
C ASN B 80 -19.83 -5.96 -4.45
N THR B 81 -19.15 -4.82 -4.54
CA THR B 81 -19.28 -3.81 -5.61
C THR B 81 -17.91 -3.13 -5.81
N GLU B 82 -17.74 -2.40 -6.90
CA GLU B 82 -16.42 -1.82 -7.17
C GLU B 82 -16.06 -0.74 -6.14
N MET B 83 -17.05 0.03 -5.75
CA MET B 83 -16.84 1.01 -4.70
C MET B 83 -16.58 0.37 -3.36
N GLU B 84 -17.30 -0.69 -3.01
CA GLU B 84 -16.98 -1.40 -1.79
C GLU B 84 -15.60 -2.01 -1.84
N GLN B 85 -15.20 -2.50 -2.99
CA GLN B 85 -13.78 -2.96 -3.18
C GLN B 85 -12.77 -1.84 -2.90
N CYS B 86 -13.10 -0.61 -3.30
CA CYS B 86 -12.29 0.56 -2.99
C CYS B 86 -12.16 0.77 -1.45
N HIS B 87 -13.29 0.68 -0.75
CA HIS B 87 -13.29 0.79 0.72
C HIS B 87 -12.49 -0.35 1.42
N VAL B 88 -12.56 -1.55 0.87
CA VAL B 88 -11.77 -2.65 1.37
C VAL B 88 -10.28 -2.31 1.17
N ASP B 89 -9.88 -1.96 -0.06
CA ASP B 89 -8.49 -1.50 -0.34
C ASP B 89 -8.07 -0.35 0.60
N ALA B 90 -8.97 0.63 0.79
CA ALA B 90 -8.64 1.82 1.59
C ALA B 90 -8.43 1.45 3.05
N ILE B 91 -9.29 0.59 3.61
CA ILE B 91 -9.11 0.22 5.01
C ILE B 91 -7.80 -0.55 5.18
N VAL B 92 -7.52 -1.45 4.26
CA VAL B 92 -6.33 -2.27 4.31
C VAL B 92 -5.09 -1.32 4.28
N ASP B 93 -5.09 -0.35 3.37
CA ASP B 93 -3.92 0.55 3.27
C ASP B 93 -3.82 1.42 4.54
N THR B 94 -4.92 1.77 5.13
CA THR B 94 -4.90 2.60 6.35
C THR B 94 -4.21 1.84 7.51
N LEU B 95 -4.60 0.57 7.67
CA LEU B 95 -3.93 -0.34 8.62
C LEU B 95 -2.45 -0.59 8.24
N ASP B 96 -2.19 -0.82 6.96
CA ASP B 96 -0.82 -1.09 6.54
C ASP B 96 0.11 0.12 6.74
N ASP B 97 -0.40 1.33 6.43
CA ASP B 97 0.34 2.57 6.61
C ASP B 97 0.76 2.65 8.07
N PHE B 98 -0.19 2.48 8.98
CA PHE B 98 0.18 2.49 10.41
C PHE B 98 1.25 1.44 10.78
N MET B 99 1.02 0.18 10.39
CA MET B 99 1.98 -0.93 10.72
C MET B 99 3.37 -0.62 10.14
N SER B 100 3.39 -0.08 8.91
CA SER B 100 4.68 0.26 8.26
C SER B 100 5.45 1.42 8.92
N CYS B 101 4.82 2.12 9.86
CA CYS B 101 5.48 3.20 10.60
C CYS B 101 6.47 2.67 11.63
N PHE B 102 6.26 1.42 12.04
CA PHE B 102 7.11 0.78 13.07
C PHE B 102 8.48 0.41 12.51
N PRO B 103 9.55 0.80 13.25
CA PRO B 103 10.92 0.52 12.81
C PRO B 103 11.30 -0.95 13.12
N TRP B 104 10.62 -1.88 12.45
CA TRP B 104 10.72 -3.33 12.70
C TRP B 104 12.15 -3.88 12.54
N ALA B 105 12.91 -3.21 11.67
CA ALA B 105 14.26 -3.60 11.34
C ALA B 105 15.25 -2.58 11.94
N GLU B 106 14.92 -2.08 13.14
CA GLU B 106 15.76 -1.08 13.82
C GLU B 106 16.83 -1.71 14.71
N LYS B 107 18.00 -1.08 14.67
CA LYS B 107 19.26 -1.55 15.24
C LYS B 107 19.41 -1.15 16.72
N LYS B 108 19.72 0.13 16.96
CA LYS B 108 19.67 0.74 18.28
C LYS B 108 18.36 0.39 19.02
N GLN B 109 18.42 -0.67 19.85
CA GLN B 109 17.22 -1.21 20.52
C GLN B 109 16.58 -0.22 21.53
N ASP B 110 17.28 0.87 21.82
CA ASP B 110 16.65 2.01 22.49
C ASP B 110 15.87 2.92 21.53
N VAL B 111 16.51 3.34 20.43
CA VAL B 111 15.88 4.18 19.40
C VAL B 111 14.63 3.52 18.82
N LYS B 112 14.73 2.22 18.59
CA LYS B 112 13.58 1.41 18.26
C LYS B 112 12.49 1.62 19.31
N GLU B 113 12.80 1.30 20.57
CA GLU B 113 11.80 1.27 21.66
C GLU B 113 11.14 2.61 22.01
N GLN B 114 11.78 3.72 21.61
CA GLN B 114 11.17 5.04 21.76
C GLN B 114 10.26 5.35 20.58
N MET B 115 10.66 4.94 19.38
CA MET B 115 9.80 5.06 18.21
C MET B 115 8.53 4.24 18.42
N PHE B 116 8.70 3.00 18.84
CA PHE B 116 7.58 2.15 19.25
C PHE B 116 6.73 2.84 20.33
N ASN B 117 7.35 3.24 21.43
CA ASN B 117 6.59 3.87 22.50
C ASN B 117 5.79 5.10 22.05
N GLU B 118 6.45 5.98 21.28
CA GLU B 118 5.85 7.11 20.58
C GLU B 118 4.60 6.67 19.79
N LEU B 119 4.77 5.70 18.90
CA LEU B 119 3.70 5.31 18.00
C LEU B 119 2.52 4.66 18.75
N LEU B 120 2.84 3.98 19.86
CA LEU B 120 1.85 3.18 20.55
C LEU B 120 1.14 4.02 21.56
N THR B 121 1.83 5.02 22.09
CA THR B 121 1.28 5.85 23.13
C THR B 121 0.38 6.94 22.55
N TYR B 122 0.73 7.44 21.38
CA TYR B 122 0.12 8.66 20.86
C TYR B 122 -0.65 8.38 19.57
N ASN B 123 -0.06 7.57 18.73
CA ASN B 123 -0.66 7.32 17.46
C ASN B 123 -1.71 6.20 17.51
N ALA B 124 -1.39 5.04 18.06
CA ALA B 124 -2.36 3.93 18.06
C ALA B 124 -3.74 4.21 18.64
N PRO B 125 -3.84 4.91 19.80
CA PRO B 125 -5.19 5.15 20.32
C PRO B 125 -6.10 5.93 19.38
N HIS B 126 -5.50 6.89 18.66
CA HIS B 126 -6.22 7.73 17.70
C HIS B 126 -6.70 6.83 16.59
N LEU B 127 -5.84 5.96 16.07
CA LEU B 127 -6.30 5.03 15.02
C LEU B 127 -7.44 4.08 15.48
N MET B 128 -7.31 3.56 16.70
CA MET B 128 -8.30 2.66 17.27
C MET B 128 -9.65 3.36 17.36
N GLN B 129 -9.64 4.59 17.87
CA GLN B 129 -10.84 5.40 17.92
C GLN B 129 -11.43 5.66 16.52
N ASP B 130 -10.58 5.94 15.51
CA ASP B 130 -11.10 6.18 14.14
C ASP B 130 -11.73 4.92 13.60
N LEU B 131 -11.08 3.80 13.84
CA LEU B 131 -11.61 2.53 13.36
C LEU B 131 -12.94 2.15 14.04
N ASP B 132 -13.09 2.51 15.31
CA ASP B 132 -14.28 2.15 16.09
C ASP B 132 -15.45 3.02 15.59
N THR B 133 -15.20 4.31 15.35
CA THR B 133 -16.21 5.18 14.76
C THR B 133 -16.64 4.70 13.37
N TYR B 134 -15.65 4.36 12.54
CA TYR B 134 -15.89 3.86 11.20
C TYR B 134 -16.75 2.60 11.22
N LEU B 135 -16.48 1.70 12.17
CA LEU B 135 -17.20 0.45 12.19
C LEU B 135 -18.62 0.71 12.68
N GLY B 136 -18.72 1.59 13.67
CA GLY B 136 -19.97 1.88 14.36
C GLY B 136 -20.64 0.59 14.79
N GLY B 137 -21.94 0.50 14.52
CA GLY B 137 -22.69 -0.68 14.94
C GLY B 137 -22.90 -1.75 13.87
N ARG B 138 -22.10 -1.76 12.81
CA ARG B 138 -22.28 -2.77 11.78
C ARG B 138 -21.52 -4.03 12.18
N GLU B 139 -21.81 -5.14 11.51
CA GLU B 139 -21.13 -6.43 11.76
C GLU B 139 -19.69 -6.54 11.28
N TRP B 140 -19.43 -6.02 10.07
CA TRP B 140 -18.13 -6.11 9.44
C TRP B 140 -17.71 -4.71 8.99
N LEU B 141 -16.40 -4.54 8.74
CA LEU B 141 -15.87 -3.24 8.34
C LEU B 141 -16.55 -2.72 7.09
N ILE B 142 -16.74 -3.61 6.12
CA ILE B 142 -17.32 -3.18 4.83
C ILE B 142 -18.46 -4.11 4.42
N GLY B 143 -19.53 -3.48 3.98
CA GLY B 143 -20.71 -4.17 3.45
C GLY B 143 -21.39 -5.03 4.51
N ASN B 144 -22.13 -6.03 4.04
CA ASN B 144 -22.90 -6.88 4.92
C ASN B 144 -22.27 -8.24 5.18
N SER B 145 -21.02 -8.46 4.76
CA SER B 145 -20.39 -9.74 5.05
C SER B 145 -18.85 -9.61 5.15
N VAL B 146 -18.18 -10.63 5.65
CA VAL B 146 -16.71 -10.56 5.86
C VAL B 146 -15.95 -10.29 4.56
N THR B 147 -14.94 -9.40 4.63
CA THR B 147 -14.02 -9.16 3.51
C THR B 147 -12.62 -9.32 4.05
N TRP B 148 -11.64 -9.32 3.16
CA TRP B 148 -10.29 -9.52 3.64
C TRP B 148 -9.76 -8.35 4.48
N ALA B 149 -10.50 -7.24 4.50
CA ALA B 149 -10.14 -6.10 5.35
C ALA B 149 -10.36 -6.46 6.79
N ASP B 150 -11.40 -7.26 7.06
CA ASP B 150 -11.65 -7.76 8.42
C ASP B 150 -10.52 -8.69 8.85
N PHE B 151 -10.09 -9.55 7.95
CA PHE B 151 -8.92 -10.41 8.16
C PHE B 151 -7.74 -9.54 8.50
N TYR B 152 -7.53 -8.49 7.70
CA TYR B 152 -6.34 -7.60 7.92
C TYR B 152 -6.41 -6.87 9.27
N TRP B 153 -7.60 -6.38 9.65
CA TRP B 153 -7.76 -5.86 11.01
C TRP B 153 -7.35 -6.89 12.08
N GLU B 154 -7.81 -8.15 11.95
CA GLU B 154 -7.52 -9.15 12.98
C GLU B 154 -6.00 -9.42 13.02
N ILE B 155 -5.39 -9.51 11.84
CA ILE B 155 -3.94 -9.73 11.76
C ILE B 155 -3.12 -8.56 12.38
N CYS B 156 -3.40 -7.32 11.92
CA CYS B 156 -2.69 -6.13 12.39
C CYS B 156 -2.82 -5.93 13.88
N SER B 157 -4.04 -6.04 14.37
CA SER B 157 -4.29 -5.79 15.80
C SER B 157 -3.67 -6.90 16.67
N THR B 158 -3.62 -8.13 16.16
CA THR B 158 -2.92 -9.21 16.90
C THR B 158 -1.46 -8.85 17.23
N THR B 159 -0.73 -8.34 16.25
CA THR B 159 0.63 -7.85 16.45
C THR B 159 0.67 -6.62 17.37
N LEU B 160 -0.23 -5.65 17.15
CA LEU B 160 -0.29 -4.46 17.98
C LEU B 160 -0.55 -4.84 19.45
N LEU B 161 -1.45 -5.81 19.70
CA LEU B 161 -1.70 -6.25 21.11
C LEU B 161 -0.43 -6.90 21.77
N VAL B 162 0.53 -7.37 20.97
CA VAL B 162 1.77 -7.90 21.52
C VAL B 162 2.49 -6.78 22.24
N PHE B 163 2.47 -5.58 21.67
CA PHE B 163 3.25 -4.47 22.22
C PHE B 163 2.43 -3.58 23.11
N LYS B 164 1.12 -3.62 22.93
CA LYS B 164 0.22 -2.85 23.77
C LYS B 164 -1.04 -3.65 24.13
N PRO B 165 -0.98 -4.51 25.19
CA PRO B 165 -2.10 -5.41 25.60
C PRO B 165 -3.42 -4.68 25.86
N ASP B 166 -3.34 -3.48 26.40
CA ASP B 166 -4.55 -2.72 26.76
C ASP B 166 -5.24 -1.93 25.61
N LEU B 167 -4.68 -2.06 24.40
CA LEU B 167 -5.05 -1.31 23.18
C LEU B 167 -6.55 -1.14 22.92
N LEU B 168 -7.31 -2.20 23.26
CA LEU B 168 -8.72 -2.25 22.96
C LEU B 168 -9.62 -2.24 24.21
N ASP B 169 -9.06 -1.88 25.39
CA ASP B 169 -9.83 -1.87 26.65
C ASP B 169 -11.05 -0.99 26.55
N ASN B 170 -10.92 0.10 25.79
CA ASN B 170 -12.01 1.03 25.48
C ASN B 170 -12.75 0.74 24.17
N HIS B 171 -12.47 -0.38 23.51
CA HIS B 171 -13.12 -0.63 22.22
C HIS B 171 -13.68 -2.04 22.06
N PRO B 172 -14.66 -2.42 22.90
CA PRO B 172 -15.27 -3.76 22.82
C PRO B 172 -15.80 -4.17 21.44
N ARG B 173 -16.29 -3.20 20.66
CA ARG B 173 -16.74 -3.49 19.28
C ARG B 173 -15.62 -3.90 18.33
N LEU B 174 -14.39 -3.41 18.52
CA LEU B 174 -13.24 -3.92 17.72
C LEU B 174 -12.80 -5.32 18.17
N VAL B 175 -12.92 -5.59 19.48
CA VAL B 175 -12.72 -6.93 20.06
C VAL B 175 -13.73 -7.92 19.48
N THR B 176 -15.02 -7.57 19.49
CA THR B 176 -16.06 -8.37 18.85
C THR B 176 -15.74 -8.75 17.39
N LEU B 177 -15.41 -7.76 16.56
CA LEU B 177 -14.99 -8.01 15.19
C LEU B 177 -13.79 -8.96 15.12
N ARG B 178 -12.76 -8.72 15.95
CA ARG B 178 -11.63 -9.67 16.04
C ARG B 178 -12.07 -11.11 16.30
N LYS B 179 -12.96 -11.27 17.28
CA LYS B 179 -13.42 -12.59 17.65
C LYS B 179 -14.31 -13.22 16.59
N LYS B 180 -15.07 -12.42 15.85
CA LYS B 180 -15.83 -12.94 14.72
C LYS B 180 -14.96 -13.48 13.57
N VAL B 181 -13.91 -12.75 13.19
CA VAL B 181 -12.95 -13.28 12.24
C VAL B 181 -12.35 -14.60 12.74
N GLN B 182 -11.91 -14.61 14.00
CA GLN B 182 -11.27 -15.78 14.59
C GLN B 182 -12.20 -16.98 14.65
N ALA B 183 -13.50 -16.73 14.64
CA ALA B 183 -14.48 -17.80 14.81
C ALA B 183 -14.89 -18.46 13.49
N ILE B 184 -14.60 -17.83 12.35
CA ILE B 184 -14.90 -18.42 11.03
C ILE B 184 -14.11 -19.74 10.98
N PRO B 185 -14.81 -20.89 10.79
CA PRO B 185 -14.14 -22.20 11.00
C PRO B 185 -12.74 -22.38 10.32
N ALA B 186 -12.55 -21.89 9.09
CA ALA B 186 -11.31 -22.16 8.39
C ALA B 186 -10.19 -21.35 9.03
N ILE B 187 -10.55 -20.16 9.52
CA ILE B 187 -9.60 -19.24 10.15
C ILE B 187 -9.27 -19.79 11.53
N ALA B 188 -10.28 -20.24 12.26
CA ALA B 188 -10.05 -20.90 13.54
C ALA B 188 -9.11 -22.11 13.44
N ASN B 189 -9.36 -22.98 12.48
CA ASN B 189 -8.46 -24.11 12.26
C ASN B 189 -7.01 -23.67 11.99
N TRP B 190 -6.83 -22.67 11.13
CA TRP B 190 -5.49 -22.15 10.81
C TRP B 190 -4.80 -21.56 12.06
N ILE B 191 -5.52 -20.72 12.80
CA ILE B 191 -5.01 -20.14 14.02
C ILE B 191 -4.53 -21.26 14.96
N LYS B 192 -5.28 -22.34 15.03
CA LYS B 192 -4.90 -23.41 15.95
C LYS B 192 -3.67 -24.22 15.41
N ARG B 193 -3.51 -24.27 14.10
CA ARG B 193 -2.50 -25.08 13.45
C ARG B 193 -1.18 -24.35 13.24
N ARG B 194 -1.22 -23.02 13.08
CA ARG B 194 -0.06 -22.25 12.70
C ARG B 194 1.10 -22.23 13.72
N PRO B 195 2.36 -22.11 13.24
CA PRO B 195 3.47 -21.97 14.19
C PRO B 195 3.29 -20.75 15.14
N GLN B 196 3.50 -20.96 16.43
CA GLN B 196 3.42 -19.84 17.40
C GLN B 196 4.71 -19.01 17.30
N THR B 197 4.55 -17.76 16.91
CA THR B 197 5.67 -16.83 16.72
C THR B 197 5.31 -15.49 17.35
N LYS B 198 6.30 -14.70 17.75
CA LYS B 198 5.99 -13.40 18.34
C LYS B 198 5.26 -12.48 17.35
N LEU B 199 5.86 -12.31 16.17
CA LEU B 199 5.36 -11.46 15.08
C LEU B 199 4.81 -12.20 13.86
N1 GSH C . -1.24 6.32 2.29
CA1 GSH C . -2.09 7.53 2.35
C1 GSH C . -2.55 7.93 0.96
O11 GSH C . -3.63 8.50 0.76
O12 GSH C . -1.84 7.68 -0.02
CB1 GSH C . -1.32 8.69 2.95
CG1 GSH C . -2.30 9.78 3.38
CD1 GSH C . -1.56 10.89 4.10
OE1 GSH C . -0.81 10.59 5.24
N2 GSH C . -1.67 12.15 3.65
CA2 GSH C . -1.04 13.26 4.37
C2 GSH C . -1.95 13.90 5.40
O2 GSH C . -3.34 13.93 5.23
CB2 GSH C . -0.46 14.28 3.38
SG2 GSH C . 0.29 13.44 1.95
N3 GSH C . -1.38 14.42 6.47
CA3 GSH C . -2.00 15.52 7.18
C3 GSH C . -2.45 15.07 8.54
O31 GSH C . -3.05 15.84 9.37
O32 GSH C . -2.22 13.88 8.85
O2 NZO D . 7.20 17.69 3.28
C13 NZO D . 6.01 17.97 3.12
O3 NZO D . 5.62 19.36 2.83
C14 NZO D . 6.25 20.49 3.44
N3 NZO D . 5.07 17.02 3.20
C12 NZO D . 4.90 16.03 2.25
N1 NZO D . 5.74 15.81 1.20
C8 NZO D . 5.18 14.76 0.54
C7 NZO D . 5.57 14.06 -0.61
N2 NZO D . 3.86 15.19 2.31
C9 NZO D . 4.04 14.38 1.24
C10 NZO D . 3.27 13.32 0.79
C11 NZO D . 3.65 12.64 -0.35
C6 NZO D . 4.80 12.98 -1.06
C5 NZO D . 5.16 12.18 -2.29
O1 NZO D . 5.79 12.71 -3.16
C4 NZO D . 4.78 10.77 -2.52
C3 NZO D . 4.60 9.73 -1.64
C2 NZO D . 4.24 8.57 -2.31
C1 NZO D . 4.20 8.70 -3.69
S NZO D . 4.56 10.31 -4.19
MG MG E . 1.04 0.62 1.24
#